data_6HMB
#
_entry.id   6HMB
#
_cell.length_a   46.350
_cell.length_b   47.720
_cell.length_c   50.420
_cell.angle_alpha   113.08
_cell.angle_beta   90.28
_cell.angle_gamma   90.85
#
_symmetry.space_group_name_H-M   'P 1'
#
loop_
_entity.id
_entity.type
_entity.pdbx_description
1 polymer "Casein kinase II subunit alpha'"
2 non-polymer 1,2-ETHANEDIOL
3 non-polymer 'CHLORIDE ION'
4 non-polymer '5-[(3-chlorophenyl)amino]benzo[c][2,6]naphthyridine-8-carboxylic acid'
5 water water
#
_entity_poly.entity_id   1
_entity_poly.type   'polypeptide(L)'
_entity_poly.pdbx_seq_one_letter_code
;MGSSHHHHHHSQDPMPGPAAGSRARVYAEVNSLRSREYWDYEAHVPSWGNQDDYQLVRKLGRGKYSEVFEAINITNNERV
VVKILKPVKKKKIKREVKILENLRGGTNIIKLIDTVKDPVSKTPALVFEYINNTDFKQLYQILTDFDIRFYMYELLKALD
YCHSKGIMHRDVKPHNVMIDHQQKKLRLIDWGLAEFYHPAQEYNVRVASRYFKGPELLVDYQMYDYSLDMWSLGCMLASM
IFRREPFFHGQDNYDQLVRIAKVLGTEELYGYLKKYHIDLDPHFNDILGQHSRKRWENFIHSENRHLVSPEALDLLDKLL
RYDHQQRLTAKEAMEHPYFYPVVKEQSQPSADNAVLSSGLTAAR
;
_entity_poly.pdbx_strand_id   A
#
loop_
_chem_comp.id
_chem_comp.type
_chem_comp.name
_chem_comp.formula
3NG non-polymer '5-[(3-chlorophenyl)amino]benzo[c][2,6]naphthyridine-8-carboxylic acid' 'C19 H12 Cl N3 O2'
CL non-polymer 'CHLORIDE ION' 'Cl -1'
EDO non-polymer 1,2-ETHANEDIOL 'C2 H6 O2'
#
# COMPACT_ATOMS: atom_id res chain seq x y z
N GLY A 21 11.49 19.91 4.78
CA GLY A 21 12.79 19.44 5.22
C GLY A 21 12.71 18.06 5.83
N SER A 22 11.61 17.38 5.52
CA SER A 22 11.32 16.08 6.08
C SER A 22 12.11 15.01 5.37
N ARG A 23 12.56 14.00 6.10
N ARG A 23 12.52 13.99 6.14
CA ARG A 23 13.03 12.79 5.45
CA ARG A 23 13.24 12.81 5.66
C ARG A 23 12.63 11.56 6.24
C ARG A 23 12.62 11.54 6.28
N ALA A 24 12.69 10.43 5.55
CA ALA A 24 12.39 9.13 6.14
C ALA A 24 13.32 8.83 7.30
N ARG A 25 12.80 8.17 8.36
CA ARG A 25 13.61 7.75 9.49
C ARG A 25 14.41 6.49 9.18
N VAL A 26 14.02 5.74 8.16
CA VAL A 26 14.68 4.52 7.78
C VAL A 26 14.87 4.55 6.27
N TYR A 27 15.92 3.88 5.81
N TYR A 27 15.93 3.90 5.81
CA TYR A 27 16.19 3.67 4.39
CA TYR A 27 16.13 3.65 4.40
C TYR A 27 16.17 4.98 3.63
C TYR A 27 16.25 4.94 3.62
N ALA A 28 16.63 6.05 4.28
CA ALA A 28 16.56 7.35 3.63
C ALA A 28 17.51 7.44 2.46
N GLU A 29 18.72 6.95 2.62
CA GLU A 29 19.77 7.14 1.62
C GLU A 29 19.99 5.90 0.79
N VAL A 30 19.11 4.91 0.90
CA VAL A 30 19.45 3.61 0.34
C VAL A 30 19.59 3.67 -1.17
N ASN A 31 18.79 4.46 -1.88
CA ASN A 31 18.95 4.54 -3.34
C ASN A 31 20.23 5.27 -3.70
N SER A 32 20.60 6.32 -2.94
N SER A 32 20.55 6.33 -2.95
CA SER A 32 21.82 7.05 -3.25
CA SER A 32 21.78 7.08 -3.16
C SER A 32 23.06 6.20 -3.01
C SER A 32 23.01 6.16 -3.06
N LEU A 33 22.94 5.16 -2.18
CA LEU A 33 24.06 4.25 -1.93
C LEU A 33 24.15 3.14 -2.95
N ARG A 34 23.17 3.00 -3.84
CA ARG A 34 23.19 2.02 -4.89
C ARG A 34 23.66 2.61 -6.21
N SER A 35 23.99 1.73 -7.15
CA SER A 35 24.29 2.18 -8.50
C SER A 35 23.14 2.98 -9.05
N ARG A 36 23.47 4.01 -9.85
CA ARG A 36 22.41 4.81 -10.46
C ARG A 36 21.44 3.94 -11.24
N GLU A 37 21.95 2.90 -11.92
CA GLU A 37 21.07 2.08 -12.72
C GLU A 37 19.94 1.46 -11.92
N TYR A 38 20.14 1.27 -10.62
CA TYR A 38 19.09 0.70 -9.78
C TYR A 38 17.81 1.54 -9.82
N TRP A 39 17.95 2.86 -9.69
CA TRP A 39 16.82 3.76 -9.55
C TRP A 39 16.51 4.59 -10.79
N ASP A 40 17.40 4.62 -11.75
CA ASP A 40 17.21 5.45 -12.95
C ASP A 40 16.38 4.66 -13.95
N TYR A 41 15.08 4.54 -13.65
CA TYR A 41 14.23 3.68 -14.44
C TYR A 41 14.02 4.18 -15.86
N GLU A 42 14.20 5.48 -16.11
CA GLU A 42 14.05 5.96 -17.48
C GLU A 42 15.11 5.37 -18.40
N ALA A 43 16.24 4.94 -17.84
CA ALA A 43 17.32 4.34 -18.61
C ALA A 43 17.18 2.84 -18.71
N HIS A 44 16.18 2.25 -18.05
CA HIS A 44 16.02 0.81 -18.05
C HIS A 44 15.51 0.34 -19.40
N VAL A 45 16.09 -0.75 -19.89
CA VAL A 45 15.73 -1.38 -21.16
C VAL A 45 15.22 -2.79 -20.85
N PRO A 46 13.92 -2.95 -20.72
CA PRO A 46 13.37 -4.30 -20.49
C PRO A 46 13.68 -5.24 -21.64
N SER A 47 13.73 -6.53 -21.32
N SER A 47 13.67 -6.52 -21.34
CA SER A 47 13.74 -7.58 -22.34
CA SER A 47 13.75 -7.56 -22.36
C SER A 47 12.31 -8.00 -22.56
C SER A 47 12.34 -8.08 -22.60
N TRP A 48 11.77 -7.74 -23.74
CA TRP A 48 10.36 -8.02 -24.02
C TRP A 48 10.22 -9.35 -24.72
N GLY A 49 9.58 -10.31 -24.06
CA GLY A 49 9.26 -11.59 -24.64
C GLY A 49 7.98 -11.54 -25.44
N ASN A 50 7.46 -12.72 -25.79
CA ASN A 50 6.41 -12.85 -26.77
C ASN A 50 5.09 -13.20 -26.08
N GLN A 51 4.10 -12.29 -26.18
CA GLN A 51 2.81 -12.55 -25.55
C GLN A 51 2.08 -13.73 -26.17
N ASP A 52 2.47 -14.14 -27.38
CA ASP A 52 1.78 -15.25 -28.05
C ASP A 52 1.85 -16.53 -27.25
N ASP A 53 2.75 -16.62 -26.26
CA ASP A 53 2.80 -17.80 -25.41
C ASP A 53 1.67 -17.87 -24.38
N TYR A 54 0.83 -16.85 -24.27
CA TYR A 54 -0.22 -16.78 -23.25
C TYR A 54 -1.57 -16.75 -23.93
N GLN A 55 -2.47 -17.58 -23.44
CA GLN A 55 -3.87 -17.60 -23.89
C GLN A 55 -4.71 -16.89 -22.84
N LEU A 56 -5.40 -15.83 -23.23
CA LEU A 56 -6.29 -15.12 -22.30
C LEU A 56 -7.57 -15.91 -22.11
N VAL A 57 -7.97 -16.08 -20.86
CA VAL A 57 -9.14 -16.88 -20.56
C VAL A 57 -10.30 -16.07 -20.00
N ARG A 58 -10.03 -15.01 -19.26
CA ARG A 58 -11.10 -14.26 -18.62
C ARG A 58 -10.58 -12.85 -18.34
N LYS A 59 -11.38 -11.84 -18.61
CA LYS A 59 -11.05 -10.49 -18.19
C LYS A 59 -11.39 -10.33 -16.72
N LEU A 60 -10.43 -9.85 -15.93
CA LEU A 60 -10.65 -9.62 -14.52
C LEU A 60 -11.06 -8.18 -14.23
N GLY A 61 -10.51 -7.21 -14.95
CA GLY A 61 -10.89 -5.84 -14.73
C GLY A 61 -10.00 -4.88 -15.50
N ARG A 62 -10.19 -3.61 -15.20
CA ARG A 62 -9.52 -2.54 -15.93
C ARG A 62 -9.20 -1.40 -14.97
N GLY A 63 -8.05 -0.78 -15.21
CA GLY A 63 -7.70 0.43 -14.51
C GLY A 63 -7.56 1.56 -15.51
N LYS A 64 -7.04 2.68 -15.04
CA LYS A 64 -6.93 3.84 -15.91
C LYS A 64 -6.04 3.55 -17.11
N TYR A 65 -4.95 2.80 -16.90
CA TYR A 65 -3.94 2.62 -17.94
C TYR A 65 -3.61 1.15 -18.15
N SER A 66 -4.48 0.25 -17.70
CA SER A 66 -4.15 -1.17 -17.74
C SER A 66 -5.44 -1.98 -17.75
N GLU A 67 -5.27 -3.25 -18.12
N GLU A 67 -5.38 -3.18 -18.33
CA GLU A 67 -6.37 -4.19 -18.19
CA GLU A 67 -6.44 -4.17 -18.16
C GLU A 67 -5.79 -5.55 -17.83
C GLU A 67 -5.76 -5.47 -17.74
N VAL A 68 -6.46 -6.27 -16.92
CA VAL A 68 -5.92 -7.52 -16.39
C VAL A 68 -6.78 -8.69 -16.81
N PHE A 69 -6.14 -9.73 -17.31
CA PHE A 69 -6.78 -10.98 -17.73
C PHE A 69 -6.16 -12.16 -17.01
N GLU A 70 -7.00 -13.12 -16.61
CA GLU A 70 -6.51 -14.45 -16.28
C GLU A 70 -6.08 -15.12 -17.58
N ALA A 71 -5.00 -15.89 -17.53
CA ALA A 71 -4.45 -16.47 -18.73
C ALA A 71 -3.78 -17.79 -18.40
N ILE A 72 -3.48 -18.56 -19.43
CA ILE A 72 -2.70 -19.79 -19.34
C ILE A 72 -1.47 -19.65 -20.20
N ASN A 73 -0.29 -19.98 -19.64
CA ASN A 73 0.93 -20.11 -20.44
C ASN A 73 0.83 -21.43 -21.19
N ILE A 74 0.73 -21.35 -22.53
CA ILE A 74 0.47 -22.56 -23.30
C ILE A 74 1.67 -23.51 -23.32
N THR A 75 2.86 -23.00 -22.96
CA THR A 75 4.04 -23.84 -23.04
C THR A 75 4.22 -24.73 -21.81
N ASN A 76 3.62 -24.38 -20.66
CA ASN A 76 3.74 -25.18 -19.44
C ASN A 76 2.41 -25.35 -18.72
N ASN A 77 1.31 -24.86 -19.28
CA ASN A 77 -0.04 -24.97 -18.72
C ASN A 77 -0.24 -24.22 -17.42
N GLU A 78 0.64 -23.26 -17.10
CA GLU A 78 0.51 -22.54 -15.86
C GLU A 78 -0.50 -21.42 -15.97
N ARG A 79 -1.34 -21.28 -14.96
CA ARG A 79 -2.25 -20.16 -14.87
C ARG A 79 -1.52 -18.94 -14.33
N VAL A 80 -1.73 -17.81 -14.99
CA VAL A 80 -1.08 -16.54 -14.70
C VAL A 80 -2.11 -15.44 -14.88
N VAL A 81 -1.63 -14.18 -14.75
N VAL A 81 -1.71 -14.20 -14.59
CA VAL A 81 -2.41 -12.96 -14.95
CA VAL A 81 -2.47 -13.08 -15.10
C VAL A 81 -1.62 -12.03 -15.86
C VAL A 81 -1.58 -12.27 -16.01
N VAL A 82 -2.23 -11.59 -16.96
CA VAL A 82 -1.58 -10.72 -17.93
C VAL A 82 -2.18 -9.32 -17.77
N LYS A 83 -1.35 -8.34 -17.47
CA LYS A 83 -1.73 -6.94 -17.34
C LYS A 83 -1.22 -6.19 -18.55
N ILE A 84 -2.13 -5.84 -19.44
CA ILE A 84 -1.80 -5.12 -20.66
C ILE A 84 -1.73 -3.64 -20.35
N LEU A 85 -0.63 -3.01 -20.74
CA LEU A 85 -0.36 -1.61 -20.37
C LEU A 85 -0.62 -0.70 -21.56
N LYS A 86 -1.56 0.24 -21.41
CA LYS A 86 -1.75 1.28 -22.42
C LYS A 86 -0.37 1.77 -22.86
N PRO A 87 0.03 1.57 -24.12
CA PRO A 87 1.46 1.73 -24.46
C PRO A 87 1.97 3.17 -24.45
N VAL A 88 1.09 4.18 -24.40
CA VAL A 88 1.56 5.56 -24.47
C VAL A 88 2.40 5.94 -23.27
N LYS A 89 2.25 5.23 -22.16
CA LYS A 89 2.78 5.68 -20.86
C LYS A 89 4.21 5.15 -20.63
N LYS A 90 5.15 5.58 -21.49
CA LYS A 90 6.43 4.89 -21.59
C LYS A 90 7.24 4.98 -20.30
N LYS A 91 7.38 6.19 -19.76
CA LYS A 91 8.14 6.36 -18.53
C LYS A 91 7.54 5.55 -17.39
N LYS A 92 6.20 5.54 -17.29
CA LYS A 92 5.53 4.85 -16.20
C LYS A 92 5.65 3.34 -16.35
N ILE A 93 5.71 2.86 -17.60
CA ILE A 93 5.93 1.44 -17.84
C ILE A 93 7.32 1.03 -17.37
N LYS A 94 8.35 1.78 -17.77
CA LYS A 94 9.70 1.49 -17.29
C LYS A 94 9.77 1.55 -15.78
N ARG A 95 9.06 2.50 -15.15
CA ARG A 95 9.09 2.61 -13.70
C ARG A 95 8.58 1.34 -13.06
N GLU A 96 7.38 0.90 -13.46
CA GLU A 96 6.79 -0.28 -12.85
C GLU A 96 7.64 -1.51 -13.10
N VAL A 97 8.15 -1.66 -14.33
CA VAL A 97 8.99 -2.81 -14.65
C VAL A 97 10.25 -2.82 -13.81
N LYS A 98 10.94 -1.68 -13.74
CA LYS A 98 12.19 -1.64 -12.99
C LYS A 98 11.95 -1.91 -11.51
N ILE A 99 10.88 -1.34 -10.96
CA ILE A 99 10.53 -1.58 -9.57
C ILE A 99 10.30 -3.06 -9.33
N LEU A 100 9.52 -3.70 -10.20
CA LEU A 100 9.26 -5.13 -10.02
C LEU A 100 10.54 -5.95 -10.14
N GLU A 101 11.43 -5.60 -11.10
N GLU A 101 11.45 -5.58 -11.04
CA GLU A 101 12.74 -6.25 -11.19
CA GLU A 101 12.69 -6.33 -11.14
C GLU A 101 13.45 -6.13 -9.87
C GLU A 101 13.58 -6.10 -9.93
N ASN A 102 13.53 -4.90 -9.34
CA ASN A 102 14.28 -4.67 -8.10
C ASN A 102 13.71 -5.44 -6.93
N LEU A 103 12.41 -5.68 -6.95
CA LEU A 103 11.73 -6.38 -5.86
C LEU A 103 11.71 -7.89 -6.04
N ARG A 104 12.40 -8.41 -7.08
CA ARG A 104 12.39 -9.83 -7.39
C ARG A 104 12.68 -10.65 -6.15
N GLY A 105 11.83 -11.64 -5.91
CA GLY A 105 11.97 -12.52 -4.77
C GLY A 105 11.51 -11.95 -3.45
N GLY A 106 11.04 -10.70 -3.40
CA GLY A 106 10.64 -10.12 -2.15
C GLY A 106 9.45 -10.81 -1.53
N THR A 107 9.46 -10.88 -0.19
CA THR A 107 8.45 -11.62 0.53
C THR A 107 7.06 -10.99 0.35
N ASN A 108 6.16 -11.79 -0.20
CA ASN A 108 4.75 -11.39 -0.33
C ASN A 108 4.54 -10.29 -1.34
N ILE A 109 5.56 -10.03 -2.18
N ILE A 109 5.49 -10.08 -2.24
CA ILE A 109 5.43 -9.18 -3.38
CA ILE A 109 5.28 -9.15 -3.34
C ILE A 109 4.87 -10.05 -4.50
C ILE A 109 4.93 -9.95 -4.57
N ILE A 110 3.88 -9.55 -5.26
CA ILE A 110 3.42 -10.32 -6.41
C ILE A 110 4.58 -10.59 -7.34
N LYS A 111 4.69 -11.86 -7.78
CA LYS A 111 5.81 -12.26 -8.62
C LYS A 111 5.57 -11.89 -10.07
N LEU A 112 6.44 -11.06 -10.64
CA LEU A 112 6.48 -10.80 -12.06
C LEU A 112 7.17 -11.98 -12.73
N ILE A 113 6.45 -12.66 -13.60
CA ILE A 113 6.98 -13.81 -14.33
C ILE A 113 7.66 -13.38 -15.61
N ASP A 114 7.10 -12.44 -16.35
CA ASP A 114 7.77 -11.97 -17.55
C ASP A 114 7.20 -10.63 -17.97
N THR A 115 7.96 -9.98 -18.86
CA THR A 115 7.60 -8.76 -19.54
C THR A 115 7.50 -9.12 -21.02
N VAL A 116 6.32 -8.93 -21.63
CA VAL A 116 6.06 -9.39 -22.99
C VAL A 116 5.41 -8.30 -23.80
N LYS A 117 5.44 -8.50 -25.13
CA LYS A 117 4.73 -7.63 -26.04
C LYS A 117 3.97 -8.50 -27.04
N ASP A 118 2.84 -7.99 -27.50
CA ASP A 118 2.24 -8.47 -28.72
C ASP A 118 3.30 -8.26 -29.80
N PRO A 119 3.73 -9.32 -30.49
CA PRO A 119 4.88 -9.18 -31.40
C PRO A 119 4.59 -8.36 -32.64
N VAL A 120 3.33 -8.06 -32.93
CA VAL A 120 2.97 -7.21 -34.06
C VAL A 120 2.71 -5.77 -33.63
N SER A 121 1.82 -5.55 -32.67
CA SER A 121 1.50 -4.18 -32.26
C SER A 121 2.58 -3.60 -31.35
N LYS A 122 3.37 -4.45 -30.70
N LYS A 122 3.39 -4.44 -30.71
CA LYS A 122 4.37 -4.05 -29.72
CA LYS A 122 4.38 -4.04 -29.72
C LYS A 122 3.76 -3.50 -28.43
C LYS A 122 3.76 -3.50 -28.42
N THR A 123 2.46 -3.65 -28.22
CA THR A 123 1.85 -3.23 -26.95
C THR A 123 2.44 -4.08 -25.84
N PRO A 124 2.92 -3.48 -24.74
CA PRO A 124 3.56 -4.24 -23.67
C PRO A 124 2.56 -4.74 -22.65
N ALA A 125 2.95 -5.81 -21.97
CA ALA A 125 2.14 -6.44 -20.94
C ALA A 125 3.07 -7.07 -19.91
N LEU A 126 2.56 -7.18 -18.69
CA LEU A 126 3.27 -7.79 -17.58
C LEU A 126 2.55 -9.08 -17.22
N VAL A 127 3.31 -10.15 -17.02
CA VAL A 127 2.74 -11.45 -16.65
C VAL A 127 3.09 -11.69 -15.19
N PHE A 128 2.07 -11.94 -14.37
CA PHE A 128 2.23 -12.17 -12.95
C PHE A 128 1.72 -13.54 -12.56
N GLU A 129 2.23 -14.04 -11.43
CA GLU A 129 1.62 -15.24 -10.83
C GLU A 129 0.14 -14.99 -10.53
N TYR A 130 -0.61 -16.07 -10.59
CA TYR A 130 -2.02 -16.09 -10.25
C TYR A 130 -2.22 -16.39 -8.77
N ILE A 131 -3.06 -15.58 -8.13
N ILE A 131 -3.02 -15.59 -8.10
CA ILE A 131 -3.45 -15.77 -6.74
CA ILE A 131 -3.39 -15.91 -6.73
C ILE A 131 -4.96 -15.97 -6.71
C ILE A 131 -4.91 -15.98 -6.66
N ASN A 132 -5.43 -17.06 -6.09
CA ASN A 132 -6.85 -17.33 -6.01
C ASN A 132 -7.37 -16.66 -4.76
N ASN A 133 -7.74 -15.40 -4.89
CA ASN A 133 -8.01 -14.62 -3.70
C ASN A 133 -9.50 -14.64 -3.34
N THR A 134 -9.73 -14.34 -2.07
CA THR A 134 -11.06 -14.14 -1.54
C THR A 134 -11.31 -12.64 -1.52
N ASP A 135 -12.32 -12.17 -2.25
CA ASP A 135 -12.48 -10.73 -2.31
C ASP A 135 -12.65 -10.16 -0.91
N PHE A 136 -12.08 -8.98 -0.70
CA PHE A 136 -11.98 -8.46 0.63
C PHE A 136 -13.32 -8.11 1.26
N LYS A 137 -14.31 -7.72 0.48
CA LYS A 137 -15.55 -7.32 1.15
C LYS A 137 -16.11 -8.49 1.94
N GLN A 138 -16.10 -9.68 1.33
CA GLN A 138 -16.54 -10.88 1.99
C GLN A 138 -15.54 -11.32 3.06
N LEU A 139 -14.26 -11.33 2.73
CA LEU A 139 -13.26 -11.87 3.65
C LEU A 139 -13.25 -11.10 4.97
N TYR A 140 -13.31 -9.77 4.91
CA TYR A 140 -13.04 -9.01 6.11
C TYR A 140 -14.13 -9.16 7.15
N GLN A 141 -15.29 -9.67 6.78
CA GLN A 141 -16.32 -9.85 7.78
C GLN A 141 -16.22 -11.22 8.46
N ILE A 142 -15.30 -12.09 8.04
CA ILE A 142 -15.13 -13.41 8.67
C ILE A 142 -13.77 -13.59 9.33
N LEU A 143 -12.88 -12.60 9.27
CA LEU A 143 -11.55 -12.73 9.89
C LEU A 143 -11.65 -12.86 11.40
N THR A 144 -10.83 -13.76 11.97
CA THR A 144 -10.65 -13.84 13.42
C THR A 144 -9.54 -12.87 13.87
N ASP A 145 -9.41 -12.72 15.19
CA ASP A 145 -8.33 -11.91 15.77
C ASP A 145 -6.98 -12.41 15.26
N PHE A 146 -6.73 -13.71 15.35
CA PHE A 146 -5.47 -14.25 14.88
C PHE A 146 -5.30 -14.02 13.38
N ASP A 147 -6.37 -14.19 12.60
CA ASP A 147 -6.27 -13.96 11.15
C ASP A 147 -5.79 -12.55 10.85
N ILE A 148 -6.35 -11.55 11.53
CA ILE A 148 -5.97 -10.17 11.27
C ILE A 148 -4.50 -9.98 11.59
N ARG A 149 -4.08 -10.46 12.75
CA ARG A 149 -2.66 -10.36 13.11
C ARG A 149 -1.79 -11.01 12.04
N PHE A 150 -2.19 -12.21 11.60
CA PHE A 150 -1.38 -12.95 10.63
C PHE A 150 -1.28 -12.21 9.31
N TYR A 151 -2.40 -11.78 8.75
CA TYR A 151 -2.36 -11.16 7.44
C TYR A 151 -1.69 -9.79 7.52
N MET A 152 -1.90 -9.03 8.61
CA MET A 152 -1.20 -7.75 8.74
C MET A 152 0.30 -7.98 8.84
N TYR A 153 0.72 -9.02 9.56
CA TYR A 153 2.15 -9.32 9.65
C TYR A 153 2.71 -9.64 8.27
N GLU A 154 1.99 -10.44 7.50
CA GLU A 154 2.44 -10.79 6.16
C GLU A 154 2.50 -9.57 5.24
N LEU A 155 1.54 -8.65 5.35
CA LEU A 155 1.58 -7.41 4.56
C LEU A 155 2.76 -6.55 4.98
N LEU A 156 3.01 -6.47 6.28
CA LEU A 156 4.16 -5.72 6.77
C LEU A 156 5.47 -6.28 6.22
N LYS A 157 5.58 -7.59 6.03
CA LYS A 157 6.81 -8.13 5.44
C LYS A 157 7.02 -7.55 4.05
N ALA A 158 5.96 -7.43 3.27
CA ALA A 158 6.07 -6.90 1.92
C ALA A 158 6.47 -5.43 1.95
N LEU A 159 5.88 -4.63 2.83
CA LEU A 159 6.20 -3.22 2.93
C LEU A 159 7.60 -3.00 3.48
N ASP A 160 7.98 -3.72 4.53
CA ASP A 160 9.37 -3.59 4.99
C ASP A 160 10.32 -3.94 3.87
N TYR A 161 10.02 -4.97 3.09
CA TYR A 161 10.89 -5.33 1.98
C TYR A 161 10.97 -4.20 0.97
N CYS A 162 9.84 -3.70 0.47
CA CYS A 162 9.94 -2.70 -0.58
C CYS A 162 10.55 -1.40 -0.07
N HIS A 163 10.24 -1.00 1.17
CA HIS A 163 10.86 0.18 1.74
C HIS A 163 12.37 -0.02 1.83
N SER A 164 12.82 -1.20 2.25
CA SER A 164 14.25 -1.49 2.33
C SER A 164 14.91 -1.45 0.96
N LYS A 165 14.14 -1.66 -0.09
CA LYS A 165 14.57 -1.59 -1.48
C LYS A 165 14.38 -0.20 -2.03
N GLY A 166 14.09 0.78 -1.17
CA GLY A 166 14.02 2.15 -1.63
C GLY A 166 12.76 2.55 -2.34
N ILE A 167 11.69 1.79 -2.17
CA ILE A 167 10.46 1.94 -2.95
C ILE A 167 9.27 2.16 -2.04
N MET A 168 8.47 3.17 -2.37
CA MET A 168 7.17 3.43 -1.75
C MET A 168 6.08 2.86 -2.67
N HIS A 169 5.12 2.11 -2.11
CA HIS A 169 4.08 1.54 -2.96
C HIS A 169 3.07 2.59 -3.42
N ARG A 170 2.59 3.40 -2.46
CA ARG A 170 1.72 4.54 -2.71
C ARG A 170 0.31 4.19 -3.14
N ASP A 171 -0.07 2.93 -3.04
CA ASP A 171 -1.47 2.54 -3.34
C ASP A 171 -1.88 1.34 -2.50
N VAL A 172 -1.51 1.34 -1.23
CA VAL A 172 -1.91 0.27 -0.34
C VAL A 172 -3.40 0.44 -0.05
N LYS A 173 -4.17 -0.62 -0.27
CA LYS A 173 -5.60 -0.65 -0.07
C LYS A 173 -6.05 -2.11 -0.16
N PRO A 174 -7.24 -2.44 0.32
CA PRO A 174 -7.67 -3.84 0.30
C PRO A 174 -7.60 -4.52 -1.04
N HIS A 175 -8.00 -3.83 -2.12
CA HIS A 175 -7.94 -4.47 -3.43
C HIS A 175 -6.52 -4.93 -3.79
N ASN A 176 -5.52 -4.14 -3.38
CA ASN A 176 -4.13 -4.42 -3.73
C ASN A 176 -3.45 -5.36 -2.77
N VAL A 177 -4.14 -5.90 -1.79
CA VAL A 177 -3.60 -6.85 -0.84
C VAL A 177 -4.37 -8.16 -1.05
N MET A 178 -3.94 -8.94 -2.03
N MET A 178 -3.92 -8.97 -2.02
CA MET A 178 -4.64 -10.16 -2.39
CA MET A 178 -4.64 -10.17 -2.42
C MET A 178 -4.38 -11.21 -1.33
C MET A 178 -4.38 -11.28 -1.41
N ILE A 179 -5.45 -11.86 -0.89
CA ILE A 179 -5.36 -12.88 0.14
C ILE A 179 -6.09 -14.12 -0.33
N ASP A 180 -5.35 -15.22 -0.42
CA ASP A 180 -5.91 -16.55 -0.63
C ASP A 180 -6.11 -17.11 0.78
N HIS A 181 -7.35 -17.09 1.26
CA HIS A 181 -7.64 -17.47 2.64
C HIS A 181 -7.67 -18.98 2.82
N GLN A 182 -7.62 -19.76 1.74
CA GLN A 182 -7.53 -21.20 1.86
C GLN A 182 -6.09 -21.65 2.06
N GLN A 183 -5.17 -21.16 1.22
CA GLN A 183 -3.77 -21.50 1.32
C GLN A 183 -2.98 -20.55 2.23
N LYS A 184 -3.64 -19.51 2.74
CA LYS A 184 -2.99 -18.53 3.63
C LYS A 184 -1.81 -17.86 2.94
N LYS A 185 -2.10 -17.30 1.77
CA LYS A 185 -1.12 -16.60 0.94
C LYS A 185 -1.57 -15.17 0.82
N LEU A 186 -0.61 -14.25 0.86
CA LEU A 186 -0.87 -12.82 0.67
C LEU A 186 0.12 -12.26 -0.33
N ARG A 187 -0.39 -11.43 -1.25
CA ARG A 187 0.49 -10.73 -2.18
C ARG A 187 0.08 -9.28 -2.31
N LEU A 188 1.07 -8.39 -2.23
CA LEU A 188 0.88 -6.98 -2.50
C LEU A 188 1.08 -6.77 -4.00
N ILE A 189 0.02 -6.32 -4.65
CA ILE A 189 -0.05 -6.17 -6.10
C ILE A 189 -0.10 -4.70 -6.50
N ASP A 190 -0.05 -4.49 -7.82
CA ASP A 190 -0.24 -3.23 -8.51
C ASP A 190 0.74 -2.16 -8.07
N TRP A 191 1.94 -2.30 -8.60
CA TRP A 191 3.06 -1.41 -8.40
C TRP A 191 3.07 -0.26 -9.39
N GLY A 192 1.96 -0.01 -10.07
CA GLY A 192 1.89 1.04 -11.07
C GLY A 192 1.97 2.44 -10.54
N LEU A 193 1.76 2.68 -9.24
CA LEU A 193 1.93 3.99 -8.64
C LEU A 193 3.19 4.09 -7.80
N ALA A 194 3.97 3.03 -7.70
CA ALA A 194 5.10 3.00 -6.82
C ALA A 194 6.22 3.90 -7.36
N GLU A 195 7.02 4.40 -6.44
CA GLU A 195 8.12 5.30 -6.80
C GLU A 195 9.32 5.02 -5.91
N PHE A 196 10.48 5.43 -6.41
CA PHE A 196 11.72 5.42 -5.64
C PHE A 196 11.77 6.61 -4.70
N TYR A 197 12.17 6.36 -3.44
CA TYR A 197 12.35 7.40 -2.46
C TYR A 197 13.76 7.99 -2.55
N HIS A 198 13.84 9.33 -2.63
CA HIS A 198 15.08 10.08 -2.61
C HIS A 198 14.90 11.22 -1.62
N PRO A 199 15.81 11.41 -0.67
CA PRO A 199 15.63 12.47 0.32
C PRO A 199 15.44 13.83 -0.33
N ALA A 200 14.46 14.57 0.21
CA ALA A 200 14.10 15.92 -0.17
C ALA A 200 13.37 15.98 -1.50
N GLN A 201 13.13 14.86 -2.16
CA GLN A 201 12.40 14.91 -3.41
C GLN A 201 10.93 15.21 -3.13
N GLU A 202 10.34 16.04 -3.98
CA GLU A 202 8.93 16.38 -3.89
C GLU A 202 8.17 15.49 -4.86
N TYR A 203 7.16 14.81 -4.33
CA TYR A 203 6.38 13.82 -5.07
C TYR A 203 4.98 14.33 -5.33
N ASN A 204 4.38 13.77 -6.37
CA ASN A 204 2.99 14.05 -6.69
C ASN A 204 2.07 13.52 -5.60
N VAL A 205 1.16 14.36 -5.09
CA VAL A 205 0.25 13.93 -4.03
C VAL A 205 -0.96 13.18 -4.57
N ARG A 206 -1.12 13.12 -5.90
CA ARG A 206 -2.25 12.42 -6.53
C ARG A 206 -1.91 10.92 -6.65
N VAL A 207 -1.81 10.27 -5.49
CA VAL A 207 -1.56 8.85 -5.38
C VAL A 207 -2.51 8.32 -4.32
N ALA A 208 -2.64 6.99 -4.25
CA ALA A 208 -3.50 6.23 -3.37
C ALA A 208 -5.00 6.46 -3.61
N SER A 209 -5.80 5.48 -3.19
CA SER A 209 -7.25 5.65 -3.18
C SER A 209 -7.63 6.65 -2.12
N ARG A 210 -8.69 7.43 -2.39
CA ARG A 210 -9.17 8.44 -1.45
C ARG A 210 -9.12 7.99 0.00
N TYR A 211 -9.68 6.82 0.27
CA TYR A 211 -9.90 6.39 1.65
C TYR A 211 -8.61 6.04 2.36
N PHE A 212 -7.53 5.87 1.61
CA PHE A 212 -6.22 5.43 2.08
C PHE A 212 -5.16 6.50 1.95
N LYS A 213 -5.55 7.69 1.50
CA LYS A 213 -4.61 8.80 1.40
C LYS A 213 -4.22 9.29 2.79
N GLY A 214 -2.91 9.44 3.01
CA GLY A 214 -2.45 10.02 4.25
C GLY A 214 -2.78 11.49 4.29
N PRO A 215 -2.84 12.04 5.52
CA PRO A 215 -3.07 13.49 5.65
C PRO A 215 -2.08 14.32 4.87
N GLU A 216 -0.82 13.90 4.77
CA GLU A 216 0.16 14.63 3.98
C GLU A 216 -0.33 14.86 2.55
N LEU A 217 -0.95 13.84 1.93
CA LEU A 217 -1.43 14.01 0.57
C LEU A 217 -2.59 15.01 0.54
N LEU A 218 -3.47 14.90 1.53
CA LEU A 218 -4.70 15.68 1.57
C LEU A 218 -4.42 17.16 1.81
N VAL A 219 -3.29 17.48 2.44
CA VAL A 219 -2.87 18.87 2.65
C VAL A 219 -1.78 19.30 1.69
N ASP A 220 -1.51 18.49 0.65
N ASP A 220 -1.55 18.53 0.64
CA ASP A 220 -0.65 18.88 -0.46
CA ASP A 220 -0.63 18.93 -0.44
C ASP A 220 0.84 18.95 -0.07
C ASP A 220 0.81 19.09 0.07
N TYR A 221 1.23 18.18 0.93
CA TYR A 221 2.62 18.12 1.37
C TYR A 221 3.36 17.09 0.52
N GLN A 222 4.28 17.58 -0.29
CA GLN A 222 4.91 16.75 -1.31
C GLN A 222 6.15 16.02 -0.84
N MET A 223 6.72 16.39 0.29
CA MET A 223 7.98 15.80 0.72
C MET A 223 7.75 14.59 1.63
N TYR A 224 6.94 13.64 1.13
CA TYR A 224 6.54 12.47 1.88
C TYR A 224 7.49 11.30 1.61
N ASP A 225 7.24 10.17 2.27
CA ASP A 225 8.17 9.06 2.21
C ASP A 225 7.41 7.75 2.41
N TYR A 226 8.15 6.69 2.72
CA TYR A 226 7.60 5.35 2.95
C TYR A 226 6.46 5.38 3.96
N SER A 227 6.50 6.30 4.92
CA SER A 227 5.50 6.38 5.97
C SER A 227 4.09 6.62 5.42
N LEU A 228 3.93 7.08 4.18
CA LEU A 228 2.62 7.14 3.56
C LEU A 228 1.96 5.77 3.56
N ASP A 229 2.74 4.74 3.22
CA ASP A 229 2.20 3.38 3.15
C ASP A 229 1.77 2.89 4.52
N MET A 230 2.40 3.40 5.58
CA MET A 230 2.05 2.99 6.94
C MET A 230 0.73 3.62 7.37
N TRP A 231 0.40 4.84 6.92
CA TRP A 231 -0.94 5.36 7.11
C TRP A 231 -1.97 4.44 6.45
N SER A 232 -1.75 4.12 5.18
CA SER A 232 -2.68 3.28 4.46
C SER A 232 -2.88 1.93 5.17
N LEU A 233 -1.78 1.33 5.64
CA LEU A 233 -1.85 0.10 6.38
C LEU A 233 -2.67 0.29 7.64
N GLY A 234 -2.43 1.38 8.38
CA GLY A 234 -3.22 1.67 9.56
C GLY A 234 -4.71 1.77 9.26
N CYS A 235 -5.07 2.36 8.10
CA CYS A 235 -6.47 2.43 7.71
C CYS A 235 -7.04 1.03 7.53
N MET A 236 -6.26 0.15 6.92
CA MET A 236 -6.69 -1.24 6.74
C MET A 236 -6.84 -1.96 8.06
N LEU A 237 -5.88 -1.78 8.96
CA LEU A 237 -5.96 -2.40 10.29
C LEU A 237 -7.22 -1.94 11.01
N ALA A 238 -7.49 -0.62 11.00
CA ALA A 238 -8.69 -0.12 11.65
C ALA A 238 -9.93 -0.78 11.06
N SER A 239 -10.00 -0.88 9.74
CA SER A 239 -11.18 -1.47 9.12
C SER A 239 -11.37 -2.91 9.51
N MET A 240 -10.28 -3.65 9.69
N MET A 240 -10.28 -3.62 9.77
CA MET A 240 -10.36 -5.06 10.04
CA MET A 240 -10.34 -5.06 10.03
C MET A 240 -10.80 -5.22 11.50
C MET A 240 -10.63 -5.36 11.49
N ILE A 241 -10.11 -4.57 12.44
CA ILE A 241 -10.42 -4.80 13.84
C ILE A 241 -11.76 -4.20 14.22
N PHE A 242 -12.21 -3.13 13.56
CA PHE A 242 -13.45 -2.48 13.92
C PHE A 242 -14.60 -2.86 13.02
N ARG A 243 -14.32 -3.45 11.86
N ARG A 243 -14.35 -3.54 11.90
CA ARG A 243 -15.28 -3.94 10.88
CA ARG A 243 -15.38 -3.91 10.93
C ARG A 243 -15.94 -2.86 10.04
C ARG A 243 -16.15 -2.69 10.42
N ARG A 244 -15.40 -1.64 10.07
CA ARG A 244 -15.90 -0.50 9.33
C ARG A 244 -14.98 -0.31 8.13
N GLU A 245 -15.46 -0.66 6.94
CA GLU A 245 -14.62 -0.70 5.74
C GLU A 245 -15.28 0.11 4.64
N PRO A 246 -14.61 1.12 4.08
CA PRO A 246 -13.37 1.69 4.59
C PRO A 246 -13.59 2.42 5.91
N PHE A 247 -12.50 2.61 6.65
CA PHE A 247 -12.61 3.19 7.98
C PHE A 247 -12.93 4.68 7.92
N PHE A 248 -12.24 5.42 7.08
CA PHE A 248 -12.43 6.86 6.88
C PHE A 248 -13.06 7.03 5.50
N HIS A 249 -14.37 7.29 5.46
CA HIS A 249 -15.13 7.19 4.21
C HIS A 249 -15.47 8.59 3.67
N GLY A 250 -14.48 9.29 3.17
CA GLY A 250 -14.72 10.62 2.65
C GLY A 250 -15.48 10.60 1.34
N GLN A 251 -16.23 11.68 1.10
CA GLN A 251 -16.97 11.86 -0.15
C GLN A 251 -16.12 12.48 -1.27
N ASP A 252 -15.01 13.11 -0.94
CA ASP A 252 -14.06 13.75 -1.86
C ASP A 252 -12.82 13.97 -1.01
N ASN A 253 -11.76 14.55 -1.61
CA ASN A 253 -10.52 14.65 -0.85
C ASN A 253 -10.62 15.62 0.31
N TYR A 254 -11.41 16.69 0.17
CA TYR A 254 -11.59 17.60 1.29
C TYR A 254 -12.28 16.90 2.43
N ASP A 255 -13.41 16.26 2.15
CA ASP A 255 -14.15 15.55 3.17
C ASP A 255 -13.33 14.44 3.79
N GLN A 256 -12.41 13.84 3.02
CA GLN A 256 -11.55 12.79 3.57
C GLN A 256 -10.78 13.32 4.77
N LEU A 257 -10.21 14.52 4.64
CA LEU A 257 -9.45 15.06 5.76
C LEU A 257 -10.38 15.39 6.93
N VAL A 258 -11.60 15.87 6.65
CA VAL A 258 -12.56 16.13 7.71
C VAL A 258 -12.86 14.85 8.47
N ARG A 259 -13.05 13.74 7.74
CA ARG A 259 -13.34 12.46 8.40
C ARG A 259 -12.19 12.05 9.31
N ILE A 260 -10.96 12.25 8.87
CA ILE A 260 -9.79 11.97 9.70
C ILE A 260 -9.79 12.86 10.93
N ALA A 261 -10.01 14.15 10.73
CA ALA A 261 -9.93 15.11 11.83
C ALA A 261 -10.99 14.88 12.88
N LYS A 262 -12.16 14.34 12.49
CA LYS A 262 -13.19 14.01 13.46
C LYS A 262 -12.77 12.90 14.40
N VAL A 263 -11.73 12.13 14.06
CA VAL A 263 -11.19 11.10 14.93
C VAL A 263 -9.90 11.55 15.61
N LEU A 264 -8.94 12.05 14.83
N LEU A 264 -8.93 12.03 14.84
CA LEU A 264 -7.64 12.41 15.35
CA LEU A 264 -7.65 12.40 15.41
C LEU A 264 -7.60 13.79 15.99
C LEU A 264 -7.67 13.76 16.11
N GLY A 265 -8.60 14.62 15.74
CA GLY A 265 -8.74 15.94 16.35
C GLY A 265 -8.18 17.05 15.48
N THR A 266 -8.80 18.23 15.59
CA THR A 266 -8.38 19.38 14.79
C THR A 266 -7.18 20.10 15.39
N GLU A 267 -7.13 20.30 16.71
CA GLU A 267 -5.94 20.94 17.26
C GLU A 267 -4.68 20.14 16.92
N GLU A 268 -4.80 18.82 16.90
CA GLU A 268 -3.70 17.95 16.57
C GLU A 268 -3.30 18.09 15.10
N LEU A 269 -4.27 18.27 14.22
CA LEU A 269 -3.97 18.56 12.82
C LEU A 269 -3.16 19.85 12.70
N TYR A 270 -3.61 20.90 13.38
CA TYR A 270 -2.93 22.19 13.25
C TYR A 270 -1.50 22.12 13.76
N GLY A 271 -1.25 21.32 14.80
CA GLY A 271 0.12 21.17 15.27
C GLY A 271 1.02 20.51 14.24
N TYR A 272 0.48 19.51 13.53
CA TYR A 272 1.21 18.88 12.44
C TYR A 272 1.52 19.87 11.34
N LEU A 273 0.51 20.63 10.90
CA LEU A 273 0.74 21.62 9.84
C LEU A 273 1.81 22.62 10.26
N LYS A 274 1.76 23.07 11.50
N LYS A 274 1.76 23.07 11.51
CA LYS A 274 2.72 24.07 11.95
CA LYS A 274 2.71 24.07 11.98
C LYS A 274 4.14 23.49 11.94
C LYS A 274 4.13 23.52 11.99
N LYS A 275 4.29 22.25 12.39
CA LYS A 275 5.62 21.65 12.47
C LYS A 275 6.31 21.61 11.11
N TYR A 276 5.56 21.31 10.06
CA TYR A 276 6.12 21.15 8.72
C TYR A 276 5.87 22.37 7.84
N HIS A 277 5.33 23.43 8.43
CA HIS A 277 5.09 24.68 7.71
C HIS A 277 4.20 24.44 6.51
N ILE A 278 3.13 23.72 6.74
CA ILE A 278 2.26 23.30 5.67
C ILE A 278 1.15 24.31 5.55
N ASP A 279 0.94 24.77 4.34
CA ASP A 279 -0.17 25.65 4.05
C ASP A 279 -1.42 24.80 3.85
N LEU A 280 -2.52 25.26 4.46
CA LEU A 280 -3.80 24.58 4.42
C LEU A 280 -4.71 25.34 3.44
N ASP A 281 -5.19 24.65 2.43
CA ASP A 281 -6.10 25.22 1.44
C ASP A 281 -7.27 25.88 2.16
N PRO A 282 -7.58 27.14 1.87
CA PRO A 282 -8.62 27.84 2.65
C PRO A 282 -10.01 27.27 2.47
N HIS A 283 -10.27 26.41 1.48
CA HIS A 283 -11.57 25.78 1.44
C HIS A 283 -11.81 24.95 2.70
N PHE A 284 -10.75 24.48 3.35
CA PHE A 284 -10.94 23.70 4.55
C PHE A 284 -11.50 24.51 5.72
N ASN A 285 -11.34 25.84 5.68
CA ASN A 285 -11.75 26.66 6.82
C ASN A 285 -13.23 26.47 7.13
N ASP A 286 -14.05 26.32 6.10
CA ASP A 286 -15.49 26.26 6.29
C ASP A 286 -15.99 24.85 6.61
N ILE A 287 -15.15 23.83 6.50
CA ILE A 287 -15.63 22.45 6.65
C ILE A 287 -14.99 21.66 7.78
N LEU A 288 -13.82 22.05 8.33
CA LEU A 288 -13.16 21.21 9.32
C LEU A 288 -13.85 21.22 10.68
N GLY A 289 -14.45 22.34 11.07
CA GLY A 289 -15.06 22.41 12.39
C GLY A 289 -14.02 22.35 13.48
N GLN A 290 -14.47 21.94 14.66
CA GLN A 290 -13.62 21.80 15.84
C GLN A 290 -13.94 20.45 16.44
N HIS A 291 -12.92 19.59 16.48
CA HIS A 291 -13.13 18.23 16.94
C HIS A 291 -12.07 17.81 17.93
N SER A 292 -12.51 17.26 19.03
N SER A 292 -12.50 17.26 19.05
CA SER A 292 -11.61 16.61 19.96
CA SER A 292 -11.54 16.70 19.98
C SER A 292 -11.00 15.36 19.33
C SER A 292 -11.09 15.32 19.53
N ARG A 293 -9.85 14.98 19.86
CA ARG A 293 -9.30 13.68 19.56
C ARG A 293 -10.12 12.62 20.27
N LYS A 294 -10.52 11.59 19.54
CA LYS A 294 -11.36 10.53 20.08
C LYS A 294 -10.52 9.38 20.62
N ARG A 295 -10.99 8.76 21.68
CA ARG A 295 -10.40 7.52 22.14
C ARG A 295 -10.73 6.39 21.16
N TRP A 296 -9.73 5.55 20.87
CA TRP A 296 -9.94 4.46 19.93
C TRP A 296 -10.96 3.47 20.47
N GLU A 297 -11.06 3.36 21.80
CA GLU A 297 -12.06 2.50 22.39
C GLU A 297 -13.47 2.89 22.00
N ASN A 298 -13.69 4.13 21.54
CA ASN A 298 -15.02 4.56 21.13
C ASN A 298 -15.57 3.76 19.96
N PHE A 299 -14.71 3.09 19.20
CA PHE A 299 -15.12 2.32 18.03
C PHE A 299 -15.50 0.89 18.35
N ILE A 300 -15.33 0.45 19.61
CA ILE A 300 -15.64 -0.90 20.03
C ILE A 300 -17.13 -1.03 20.32
N HIS A 301 -17.70 -2.13 19.85
CA HIS A 301 -19.06 -2.51 20.23
C HIS A 301 -19.17 -4.01 20.08
N SER A 302 -20.37 -4.54 20.32
CA SER A 302 -20.48 -5.97 20.47
C SER A 302 -20.06 -6.72 19.21
N GLU A 303 -20.20 -6.11 18.03
CA GLU A 303 -19.90 -6.81 16.78
C GLU A 303 -18.40 -6.91 16.50
N ASN A 304 -17.55 -6.09 17.13
CA ASN A 304 -16.13 -6.16 16.86
C ASN A 304 -15.26 -6.41 18.10
N ARG A 305 -15.86 -6.59 19.28
N ARG A 305 -15.90 -6.54 19.28
CA ARG A 305 -15.05 -6.58 20.50
CA ARG A 305 -15.19 -6.65 20.55
C ARG A 305 -14.08 -7.74 20.53
C ARG A 305 -14.10 -7.70 20.49
N HIS A 306 -14.41 -8.86 19.90
CA HIS A 306 -13.50 -10.00 19.88
C HIS A 306 -12.27 -9.76 19.02
N LEU A 307 -12.24 -8.71 18.21
CA LEU A 307 -11.10 -8.41 17.34
C LEU A 307 -10.20 -7.34 17.95
N VAL A 308 -10.64 -6.69 19.01
CA VAL A 308 -9.95 -5.54 19.57
C VAL A 308 -9.34 -5.95 20.90
N SER A 309 -8.12 -5.51 21.13
CA SER A 309 -7.36 -5.77 22.33
C SER A 309 -6.57 -4.52 22.65
N PRO A 310 -6.01 -4.41 23.87
CA PRO A 310 -5.13 -3.27 24.15
C PRO A 310 -3.98 -3.20 23.18
N GLU A 311 -3.39 -4.35 22.82
N GLU A 311 -3.42 -4.34 22.79
CA GLU A 311 -2.29 -4.37 21.87
CA GLU A 311 -2.27 -4.31 21.90
C GLU A 311 -2.71 -3.80 20.53
C GLU A 311 -2.66 -3.88 20.48
N ALA A 312 -3.86 -4.25 20.01
CA ALA A 312 -4.30 -3.75 18.72
C ALA A 312 -4.46 -2.25 18.72
N LEU A 313 -5.04 -1.69 19.81
CA LEU A 313 -5.27 -0.26 19.86
C LEU A 313 -3.97 0.50 20.00
N ASP A 314 -3.03 -0.03 20.78
CA ASP A 314 -1.73 0.63 20.88
C ASP A 314 -1.01 0.71 19.55
N LEU A 315 -1.03 -0.40 18.80
CA LEU A 315 -0.43 -0.40 17.46
C LEU A 315 -1.16 0.59 16.55
N LEU A 316 -2.49 0.52 16.52
CA LEU A 316 -3.22 1.38 15.61
C LEU A 316 -2.94 2.86 15.91
N ASP A 317 -2.89 3.21 17.20
CA ASP A 317 -2.65 4.57 17.60
C ASP A 317 -1.32 5.09 17.12
N LYS A 318 -0.35 4.19 16.93
CA LYS A 318 1.00 4.53 16.48
C LYS A 318 1.16 4.53 14.96
N LEU A 319 0.13 4.11 14.22
CA LEU A 319 0.09 4.14 12.77
C LEU A 319 -0.73 5.32 12.26
N LEU A 320 -1.94 5.48 12.81
CA LEU A 320 -2.85 6.55 12.38
C LEU A 320 -2.52 7.81 13.17
N ARG A 321 -1.39 8.42 12.80
CA ARG A 321 -0.88 9.66 13.34
C ARG A 321 -0.74 10.66 12.21
N TYR A 322 -1.12 11.92 12.44
CA TYR A 322 -0.89 12.92 11.40
C TYR A 322 0.57 12.98 11.02
N ASP A 323 1.45 13.03 12.02
CA ASP A 323 2.87 13.26 11.77
C ASP A 323 3.51 12.02 11.19
N HIS A 324 3.73 12.08 9.88
CA HIS A 324 4.25 10.92 9.13
C HIS A 324 5.56 10.44 9.73
N GLN A 325 6.39 11.36 10.27
N GLN A 325 6.37 11.33 10.27
CA GLN A 325 7.67 10.97 10.86
CA GLN A 325 7.66 10.97 10.80
C GLN A 325 7.50 10.12 12.11
C GLN A 325 7.58 10.31 12.17
N GLN A 326 6.41 10.33 12.81
CA GLN A 326 6.19 9.65 14.08
C GLN A 326 5.45 8.35 13.94
N ARG A 327 4.93 8.03 12.76
CA ARG A 327 4.31 6.73 12.55
C ARG A 327 5.37 5.65 12.68
N LEU A 328 4.96 4.46 13.14
CA LEU A 328 5.87 3.33 13.13
C LEU A 328 6.35 3.04 11.71
N THR A 329 7.61 2.62 11.61
CA THR A 329 8.08 2.00 10.39
C THR A 329 7.45 0.61 10.24
N ALA A 330 7.55 0.01 9.05
CA ALA A 330 7.02 -1.34 8.89
C ALA A 330 7.71 -2.30 9.85
N LYS A 331 9.01 -2.16 10.05
CA LYS A 331 9.75 -3.00 10.97
C LYS A 331 9.28 -2.79 12.41
N GLU A 332 9.18 -1.53 12.85
CA GLU A 332 8.70 -1.28 14.21
C GLU A 332 7.32 -1.86 14.42
N ALA A 333 6.47 -1.77 13.40
CA ALA A 333 5.15 -2.37 13.51
C ALA A 333 5.26 -3.89 13.65
N MET A 334 6.10 -4.53 12.83
CA MET A 334 6.29 -5.98 12.94
C MET A 334 6.78 -6.41 14.28
N GLU A 335 7.54 -5.54 14.96
N GLU A 335 7.55 -5.54 14.94
CA GLU A 335 8.09 -5.86 16.28
CA GLU A 335 8.12 -5.82 16.26
C GLU A 335 7.07 -5.67 17.40
C GLU A 335 7.13 -5.54 17.41
N HIS A 336 5.92 -5.07 17.11
CA HIS A 336 4.97 -4.73 18.15
C HIS A 336 4.40 -6.00 18.79
N PRO A 337 4.09 -5.94 20.10
CA PRO A 337 3.47 -7.11 20.76
C PRO A 337 2.24 -7.67 20.09
N TYR A 338 1.46 -6.85 19.38
CA TYR A 338 0.27 -7.39 18.70
C TYR A 338 0.61 -8.59 17.85
N PHE A 339 1.81 -8.63 17.29
CA PHE A 339 2.19 -9.73 16.41
C PHE A 339 2.90 -10.87 17.12
N TYR A 340 3.15 -10.76 18.42
CA TYR A 340 3.82 -11.87 19.10
C TYR A 340 3.13 -13.20 18.89
N PRO A 341 1.79 -13.30 18.95
CA PRO A 341 1.18 -14.63 18.71
C PRO A 341 1.51 -15.20 17.33
N VAL A 342 1.71 -14.34 16.33
CA VAL A 342 2.03 -14.79 14.98
C VAL A 342 3.47 -15.28 14.93
N VAL A 343 4.38 -14.50 15.51
CA VAL A 343 5.79 -14.88 15.54
C VAL A 343 5.94 -16.22 16.26
N LYS A 344 5.25 -16.38 17.38
CA LYS A 344 5.33 -17.63 18.14
C LYS A 344 4.83 -18.82 17.33
N GLU A 345 3.75 -18.64 16.56
CA GLU A 345 3.26 -19.74 15.75
C GLU A 345 4.18 -20.03 14.57
N GLN A 346 4.83 -19.01 14.03
N GLN A 346 4.84 -18.99 14.02
CA GLN A 346 5.70 -19.16 12.87
CA GLN A 346 5.72 -19.13 12.87
C GLN A 346 7.15 -19.49 13.25
C GLN A 346 7.05 -19.77 13.22
N SER A 347 7.39 -19.87 14.50
CA SER A 347 8.61 -20.52 14.93
C SER A 347 8.36 -21.90 15.50
N GLN A 348 7.33 -22.05 16.33
CA GLN A 348 6.94 -23.34 16.87
C GLN A 348 6.40 -24.25 15.77
C1 EDO B . 8.55 -9.01 -7.70
O1 EDO B . 7.72 -9.28 -8.83
C2 EDO B . 8.52 -10.17 -6.71
O2 EDO B . 9.21 -11.28 -7.31
H11 EDO B . 8.19 -8.10 -7.20
H12 EDO B . 9.57 -8.84 -8.03
HO1 EDO B . 7.70 -8.52 -9.40
H21 EDO B . 7.49 -10.45 -6.48
H22 EDO B . 9.01 -9.88 -5.77
HO2 EDO B . 9.01 -12.09 -6.80
C1 EDO C . -8.28 -9.60 -0.76
O1 EDO C . -8.11 -10.85 -1.43
C2 EDO C . -8.39 -8.49 -1.78
O2 EDO C . -9.62 -8.75 -2.49
H11 EDO C . -9.18 -9.63 -0.14
H12 EDO C . -7.43 -9.42 -0.10
HO1 EDO C . -8.08 -11.56 -0.77
H21 EDO C . -7.54 -8.50 -2.47
H22 EDO C . -8.41 -7.51 -1.30
HO2 EDO C . -9.83 -7.99 -3.05
C1 EDO D . 7.44 -2.14 18.94
O1 EDO D . 6.39 -1.62 18.12
C2 EDO D . 8.40 -1.00 19.29
O2 EDO D . 9.01 -0.52 18.08
H11 EDO D . 7.01 -2.55 19.87
H12 EDO D . 7.97 -2.93 18.43
HO1 EDO D . 5.74 -2.33 17.95
H21 EDO D . 7.87 -0.18 19.78
H22 EDO D . 9.16 -1.36 19.98
HO2 EDO D . 9.77 0.03 18.31
C1 EDO E . -4.73 -16.74 8.63
O1 EDO E . -6.03 -17.29 8.41
C2 EDO E . -4.03 -17.55 9.72
O2 EDO E . -3.96 -18.92 9.31
H11 EDO E . -4.14 -16.78 7.70
H12 EDO E . -4.80 -15.69 8.92
HO1 EDO E . -6.50 -16.75 7.77
H21 EDO E . -4.60 -17.47 10.65
H22 EDO E . -3.03 -17.16 9.90
HO2 EDO E . -3.54 -19.44 10.01
C1 EDO F . -13.37 0.23 -0.96
O1 EDO F . -14.32 -0.31 -0.04
C2 EDO F . -12.13 0.64 -0.19
O2 EDO F . -11.39 -0.53 0.18
H11 EDO F . -13.12 -0.52 -1.72
H12 EDO F . -13.78 1.09 -1.48
HO1 EDO F . -15.11 -0.58 -0.52
H21 EDO F . -12.41 1.20 0.71
H22 EDO F . -11.50 1.28 -0.82
HO2 EDO F . -10.57 -0.27 0.61
C1 EDO G . -10.38 -7.96 -6.03
O1 EDO G . -10.83 -9.14 -5.36
C2 EDO G . -8.85 -7.98 -6.07
O2 EDO G . -8.34 -7.83 -4.74
H11 EDO G . -10.72 -7.07 -5.51
H12 EDO G . -10.78 -7.93 -7.06
HO1 EDO G . -11.79 -9.14 -5.35
H21 EDO G . -8.51 -8.93 -6.50
H22 EDO G . -8.49 -7.17 -6.71
HO2 EDO G . -7.37 -7.80 -4.77
C1 EDO H . -15.45 7.30 8.86
O1 EDO H . -16.02 6.46 7.86
C2 EDO H . -15.45 8.68 8.25
O2 EDO H . -16.56 9.21 8.98
H11 EDO H . -16.05 7.29 9.77
H12 EDO H . -14.44 6.99 9.12
HO1 EDO H . -16.16 5.57 8.23
H21 EDO H . -14.52 9.23 8.43
H22 EDO H . -15.62 8.67 7.16
HO2 EDO H . -16.39 10.14 9.19
C1 EDO I . 1.71 8.36 -10.17
O1 EDO I . 2.04 7.90 -11.48
C2 EDO I . 2.33 9.72 -9.85
O2 EDO I . 3.75 9.66 -10.04
H11 EDO I . 0.62 8.44 -10.08
H12 EDO I . 2.06 7.63 -9.43
HO1 EDO I . 1.55 7.09 -11.67
H21 EDO I . 2.11 10.00 -8.81
H22 EDO I . 1.90 10.49 -10.50
HO2 EDO I . 4.14 10.50 -9.82
C1 EDO J . 5.61 16.69 -8.38
O1 EDO J . 6.56 15.81 -9.00
C2 EDO J . 4.25 16.55 -9.07
O2 EDO J . 3.27 17.41 -8.47
H11 EDO J . 5.96 17.72 -8.44
H12 EDO J . 5.51 16.44 -7.31
HO1 EDO J . 7.42 15.91 -8.58
H21 EDO J . 3.92 15.51 -9.01
H22 EDO J . 4.36 16.81 -10.13
HO2 EDO J . 2.42 17.29 -8.93
C1 EDO K . -7.18 4.69 -7.63
O1 EDO K . -7.21 3.49 -8.40
C2 EDO K . -6.08 4.62 -6.56
O2 EDO K . -6.25 3.43 -5.77
H11 EDO K . -6.99 5.55 -8.27
H12 EDO K . -8.15 4.84 -7.14
HO1 EDO K . -7.84 3.59 -9.13
H21 EDO K . -5.11 4.59 -7.05
H22 EDO K . -6.13 5.50 -5.92
HO2 EDO K . -5.45 3.25 -5.28
CL CL L . -15.85 8.46 12.99
CL CL M . 5.80 11.44 -8.08
C1 3NG N . -3.75 -8.48 -10.38
C2 3NG N . -3.09 -9.67 -10.10
C3 3NG N . -1.68 -9.66 -10.08
C4 3NG N . -0.99 -8.48 -10.27
C5 3NG N . -1.68 -7.29 -10.54
C6 3NG N . -3.05 -7.29 -10.62
C7 3NG N . -5.24 -10.77 -10.02
C8 3NG N . -3.86 -10.86 -9.91
N9 3NG N . -5.12 -8.42 -10.41
C10 3NG N . -5.84 -9.51 -10.25
C11 3NG N . -5.35 -13.15 -9.61
N12 3NG N . -4.04 -13.21 -9.50
C13 3NG N . -3.30 -12.12 -9.66
C14 3NG N . -5.99 -11.95 -9.89
N15 3NG N . -7.25 -9.46 -10.24
C16 3NG N . -8.08 -8.32 -10.55
C17 3NG N . -7.66 -7.34 -11.41
C18 3NG N . -8.53 -6.31 -11.70
C19 3NG N . -9.80 -6.24 -11.16
C20 3NG N . -10.22 -7.26 -10.32
C21 3NG N . -9.35 -8.29 -10.02
CL22 3NG N . -7.98 -5.02 -12.77
C23 3NG N . -0.90 -6.01 -10.72
O24 3NG N . -1.44 -5.04 -11.28
O25 3NG N . 0.28 -5.99 -10.23
H3 3NG N . -1.21 -10.46 -9.92
H4 3NG N . -0.06 -8.48 -10.22
H6 3NG N . -3.51 -6.51 -10.82
H11 3NG N . -5.87 -13.92 -9.51
H13 3NG N . -2.37 -12.20 -9.60
H14 3NG N . -6.91 -11.92 -9.97
HN15 3NG N . -7.67 -10.20 -10.03
H17 3NG N . -6.81 -7.36 -11.77
H19 3NG N . -10.37 -5.53 -11.36
H20 3NG N . -11.07 -7.24 -9.97
H21 3NG N . -9.62 -8.96 -9.44
#